data_9BVD
#
_entry.id   9BVD
#
_cell.length_a   59.506
_cell.length_b   91.226
_cell.length_c   73.756
_cell.angle_alpha   90.000
_cell.angle_beta   106.390
_cell.angle_gamma   90.000
#
_symmetry.space_group_name_H-M   'P 1 21 1'
#
loop_
_entity.id
_entity.type
_entity.pdbx_description
1 polymer 'Sex-determining region Y protein'
2 polymer "DNA (5'-D(*CP*AP*CP*TP*AP*GP*CP*AP*TP*TP*GP*TP*TP*TP*GP*GP*G)-3')"
3 polymer "DNA (5'-D(*GP*CP*CP*CP*AP*AP*AP*CP*AP*AP*TP*GP*CP*TP*AP*GP*TP*G)-3')"
4 non-polymer 1,2-ETHANEDIOL
5 water water
#
loop_
_entity_poly.entity_id
_entity_poly.type
_entity_poly.pdbx_seq_one_letter_code
_entity_poly.pdbx_strand_id
1 'polypeptide(L)' MRVKRPMNAFIVWSRDQRRKMALENPRMRNSEISKQLGYQWKMLTEAEKWPFFQEAQKLQAMHREKYPNYKYRPRRKAK C,F,I
2 'polydeoxyribonucleotide' (DC)(DA)(DC)(DT)(DA)(DG)(DC)(DA)(DT)(DT)(DG)(DT)(DT)(DT)(DG)(DG)(DG) A,D,G
3 'polydeoxyribonucleotide' (DG)(DC)(DC)(DC)(DA)(DA)(DA)(DC)(DA)(DA)(DT)(DG)(DC)(DT)(DA)(DG)(DT)(DG) B,E,H
#
# COMPACT_ATOMS: atom_id res chain seq x y z
N ARG A 2 -6.53 -16.36 1.49
CA ARG A 2 -7.72 -16.09 2.29
C ARG A 2 -7.83 -14.64 2.72
N VAL A 3 -8.97 -14.02 2.43
CA VAL A 3 -9.13 -12.58 2.56
C VAL A 3 -9.59 -12.24 3.98
N LYS A 4 -8.85 -11.37 4.65
CA LYS A 4 -9.12 -10.99 6.02
C LYS A 4 -10.10 -9.83 6.08
N ARG A 5 -10.64 -9.59 7.28
CA ARG A 5 -11.52 -8.46 7.51
C ARG A 5 -10.71 -7.15 7.51
N PRO A 6 -11.37 -6.02 7.21
CA PRO A 6 -10.67 -4.74 7.34
C PRO A 6 -10.70 -4.22 8.77
N MET A 7 -9.72 -3.39 9.07
CA MET A 7 -9.54 -2.90 10.42
C MET A 7 -10.63 -1.89 10.75
N ASN A 8 -11.33 -2.09 11.85
CA ASN A 8 -12.20 -1.04 12.36
C ASN A 8 -11.35 0.08 12.99
N ALA A 9 -12.02 1.05 13.62
CA ALA A 9 -11.34 2.26 14.07
C ALA A 9 -10.54 2.04 15.35
N PHE A 10 -11.01 1.15 16.23
CA PHE A 10 -10.29 0.89 17.46
C PHE A 10 -9.01 0.11 17.16
N ILE A 11 -9.13 -0.92 16.32
CA ILE A 11 -7.94 -1.65 15.88
C ILE A 11 -6.93 -0.69 15.26
N VAL A 12 -7.40 0.19 14.37
CA VAL A 12 -6.49 1.11 13.67
C VAL A 12 -5.72 1.94 14.67
N TRP A 13 -6.41 2.41 15.72
CA TRP A 13 -5.80 3.28 16.72
C TRP A 13 -4.96 2.50 17.72
N SER A 14 -5.29 1.24 17.95
CA SER A 14 -4.65 0.49 18.99
C SER A 14 -3.21 0.12 18.63
N ARG A 15 -2.87 0.12 17.34
CA ARG A 15 -1.61 -0.48 16.90
C ARG A 15 -0.41 0.30 17.45
N ASP A 16 -0.33 1.60 17.15
CA ASP A 16 0.69 2.42 17.78
C ASP A 16 0.51 2.47 19.28
N GLN A 17 -0.72 2.56 19.75
CA GLN A 17 -0.88 2.71 21.20
C GLN A 17 -0.48 1.44 21.96
N ARG A 18 -0.54 0.27 21.32
CA ARG A 18 -0.13 -0.97 21.97
C ARG A 18 1.39 -1.01 22.12
N ARG A 19 2.12 -0.69 21.03
CA ARG A 19 3.56 -0.63 21.09
C ARG A 19 4.03 0.37 22.15
N LYS A 20 3.46 1.59 22.12
CA LYS A 20 3.92 2.62 23.05
C LYS A 20 3.66 2.21 24.50
N MET A 21 2.54 1.52 24.76
CA MET A 21 2.32 1.03 26.12
C MET A 21 3.31 -0.07 26.48
N ALA A 22 3.65 -0.92 25.53
CA ALA A 22 4.50 -2.07 25.84
C ALA A 22 5.91 -1.58 26.20
N LEU A 23 6.45 -0.67 25.41
CA LEU A 23 7.74 -0.07 25.67
C LEU A 23 7.76 0.70 26.99
N GLU A 24 6.66 1.33 27.38
CA GLU A 24 6.65 2.07 28.65
C GLU A 24 6.36 1.17 29.84
N ASN A 25 5.61 0.09 29.63
CA ASN A 25 5.31 -0.89 30.67
C ASN A 25 5.79 -2.26 30.21
N PRO A 26 7.10 -2.50 30.27
CA PRO A 26 7.65 -3.70 29.63
C PRO A 26 7.33 -5.00 30.35
N ARG A 27 6.69 -4.95 31.53
CA ARG A 27 6.34 -6.16 32.24
C ARG A 27 4.93 -6.67 31.94
N MET A 28 4.02 -5.80 31.49
CA MET A 28 2.64 -6.20 31.26
C MET A 28 2.53 -7.25 30.16
N ARG A 29 1.70 -8.26 30.39
CA ARG A 29 1.25 -9.12 29.31
C ARG A 29 0.51 -8.29 28.25
N ASN A 30 0.52 -8.82 27.02
CA ASN A 30 -0.14 -8.13 25.91
C ASN A 30 -1.66 -8.14 26.09
N SER A 31 -2.20 -9.25 26.60
CA SER A 31 -3.61 -9.29 26.93
C SER A 31 -3.95 -8.26 27.98
N GLU A 32 -2.98 -7.88 28.84
CA GLU A 32 -3.28 -6.82 29.79
C GLU A 32 -3.14 -5.43 29.19
N ILE A 33 -2.39 -5.30 28.10
CA ILE A 33 -2.35 -4.01 27.42
C ILE A 33 -3.69 -3.74 26.73
N SER A 34 -4.32 -4.79 26.21
CA SER A 34 -5.64 -4.65 25.61
C SER A 34 -6.61 -3.99 26.59
N LYS A 35 -6.61 -4.45 27.85
CA LYS A 35 -7.45 -3.82 28.86
C LYS A 35 -7.14 -2.33 28.97
N GLN A 36 -5.87 -1.98 29.04
CA GLN A 36 -5.52 -0.57 29.19
C GLN A 36 -5.92 0.23 27.97
N LEU A 37 -5.79 -0.36 26.79
CA LEU A 37 -6.23 0.33 25.60
C LEU A 37 -7.74 0.52 25.59
N GLY A 38 -8.48 -0.42 26.20
CA GLY A 38 -9.92 -0.28 26.30
C GLY A 38 -10.33 0.94 27.13
N TYR A 39 -9.73 1.08 28.32
CA TYR A 39 -10.03 2.23 29.17
C TYR A 39 -9.70 3.53 28.45
N GLN A 40 -8.54 3.59 27.79
CA GLN A 40 -8.11 4.83 27.17
C GLN A 40 -9.03 5.23 26.02
N TRP A 41 -9.43 4.26 25.21
CA TRP A 41 -10.30 4.53 24.08
C TRP A 41 -11.64 5.09 24.56
N LYS A 42 -12.24 4.44 25.56
CA LYS A 42 -13.48 4.96 26.14
C LYS A 42 -13.28 6.35 26.73
N MET A 43 -12.04 6.74 27.01
CA MET A 43 -11.77 8.07 27.55
C MET A 43 -11.67 9.12 26.45
N LEU A 44 -11.59 8.69 25.20
CA LEU A 44 -11.37 9.60 24.09
C LEU A 44 -12.70 10.24 23.70
N THR A 45 -12.70 11.55 23.54
CA THR A 45 -13.84 12.24 22.96
C THR A 45 -14.03 11.86 21.50
N GLU A 46 -15.28 12.01 21.03
CA GLU A 46 -15.62 11.89 19.62
C GLU A 46 -14.67 12.71 18.75
N ALA A 47 -14.34 13.93 19.19
CA ALA A 47 -13.53 14.82 18.37
C ALA A 47 -12.12 14.28 18.22
N GLU A 48 -11.67 13.50 19.20
CA GLU A 48 -10.35 12.87 19.11
C GLU A 48 -10.37 11.60 18.28
N LYS A 49 -11.49 10.87 18.26
CA LYS A 49 -11.49 9.61 17.53
C LYS A 49 -11.83 9.72 16.05
N TRP A 50 -12.23 10.89 15.55
CA TRP A 50 -12.75 10.87 14.18
C TRP A 50 -11.69 10.57 13.12
N PRO A 51 -10.41 10.95 13.30
CA PRO A 51 -9.43 10.58 12.25
C PRO A 51 -9.30 9.09 12.09
N PHE A 52 -9.57 8.33 13.15
CA PHE A 52 -9.47 6.88 13.08
C PHE A 52 -10.70 6.24 12.43
N PHE A 53 -11.88 6.87 12.56
CA PHE A 53 -13.04 6.34 11.82
C PHE A 53 -12.90 6.64 10.34
N GLN A 54 -12.39 7.83 9.99
CA GLN A 54 -12.06 8.10 8.60
C GLN A 54 -11.09 7.05 8.05
N GLU A 55 -10.02 6.76 8.80
CA GLU A 55 -9.06 5.75 8.32
C GLU A 55 -9.71 4.39 8.16
N ALA A 56 -10.53 3.99 9.14
CA ALA A 56 -11.27 2.73 9.01
C ALA A 56 -12.11 2.72 7.74
N GLN A 57 -12.76 3.85 7.43
CA GLN A 57 -13.58 3.93 6.22
C GLN A 57 -12.73 3.77 4.97
N LYS A 58 -11.64 4.54 4.86
CA LYS A 58 -10.73 4.34 3.73
C LYS A 58 -10.40 2.87 3.57
N LEU A 59 -10.14 2.19 4.70
CA LEU A 59 -9.73 0.79 4.63
C LEU A 59 -10.86 -0.09 4.16
N GLN A 60 -12.07 0.11 4.67
CA GLN A 60 -13.19 -0.66 4.15
C GLN A 60 -13.43 -0.32 2.68
N ALA A 61 -13.15 0.91 2.26
CA ALA A 61 -13.39 1.25 0.86
C ALA A 61 -12.36 0.57 -0.03
N MET A 62 -11.07 0.67 0.32
CA MET A 62 -10.03 -0.04 -0.44
C MET A 62 -10.28 -1.53 -0.46
N HIS A 63 -10.81 -2.08 0.64
CA HIS A 63 -11.19 -3.48 0.66
C HIS A 63 -12.18 -3.81 -0.47
N ARG A 64 -13.22 -2.98 -0.66
CA ARG A 64 -14.17 -3.38 -1.68
C ARG A 64 -13.65 -3.13 -3.09
N GLU A 65 -12.74 -2.17 -3.27
CA GLU A 65 -12.00 -2.03 -4.52
C GLU A 65 -11.30 -3.33 -4.89
N LYS A 66 -10.50 -3.83 -3.95
CA LYS A 66 -9.60 -4.95 -4.21
C LYS A 66 -10.37 -6.26 -4.25
N TYR A 67 -11.34 -6.42 -3.36
CA TYR A 67 -12.11 -7.65 -3.23
C TYR A 67 -13.58 -7.35 -3.45
N PRO A 68 -13.98 -7.02 -4.68
CA PRO A 68 -15.37 -6.56 -4.92
C PRO A 68 -16.42 -7.62 -4.65
N ASN A 69 -16.05 -8.90 -4.65
CA ASN A 69 -16.99 -9.98 -4.40
C ASN A 69 -16.81 -10.61 -3.03
N TYR A 70 -15.96 -10.03 -2.18
CA TYR A 70 -15.81 -10.53 -0.82
C TYR A 70 -17.11 -10.36 -0.04
N LYS A 71 -17.43 -11.35 0.79
CA LYS A 71 -18.47 -11.26 1.78
C LYS A 71 -18.01 -12.02 3.02
N TYR A 72 -18.41 -11.53 4.19
CA TYR A 72 -17.89 -12.04 5.45
C TYR A 72 -18.60 -13.34 5.84
N ARG A 73 -17.81 -14.38 6.14
CA ARG A 73 -18.32 -15.70 6.50
C ARG A 73 -17.65 -16.26 7.75
N PRO A 74 -18.20 -15.98 8.94
CA PRO A 74 -17.61 -16.53 10.18
C PRO A 74 -17.69 -18.04 10.35
N ARG A 75 -17.21 -18.55 11.49
CA ARG A 75 -17.03 -19.98 11.81
C ARG A 75 -16.14 -20.65 10.76
N VAL D 3 13.47 -30.84 -2.19
CA VAL D 3 14.38 -30.15 -1.26
C VAL D 3 14.80 -28.77 -1.79
N LYS D 4 14.37 -27.70 -1.11
CA LYS D 4 14.56 -26.35 -1.63
C LYS D 4 15.99 -25.85 -1.48
N ARG D 5 16.36 -24.89 -2.33
CA ARG D 5 17.60 -24.17 -2.13
C ARG D 5 17.51 -23.28 -0.90
N PRO D 6 18.62 -23.06 -0.21
CA PRO D 6 18.63 -22.17 0.95
C PRO D 6 18.84 -20.73 0.51
N MET D 7 18.36 -19.80 1.33
CA MET D 7 18.30 -18.40 0.92
C MET D 7 19.69 -17.77 0.87
N ASN D 8 19.92 -16.93 -0.14
CA ASN D 8 21.13 -16.12 -0.16
C ASN D 8 20.88 -14.77 0.52
N ALA D 9 21.96 -14.00 0.72
CA ALA D 9 21.89 -12.77 1.49
C ALA D 9 20.76 -11.85 1.04
N PHE D 10 20.60 -11.66 -0.28
CA PHE D 10 19.55 -10.76 -0.77
C PHE D 10 18.16 -11.28 -0.39
N ILE D 11 17.91 -12.56 -0.66
CA ILE D 11 16.64 -13.15 -0.29
C ILE D 11 16.37 -12.98 1.20
N VAL D 12 17.37 -13.26 2.03
CA VAL D 12 17.21 -13.12 3.48
C VAL D 12 16.73 -11.70 3.81
N TRP D 13 17.38 -10.69 3.22
CA TRP D 13 17.12 -9.31 3.59
C TRP D 13 15.81 -8.82 3.03
N SER D 14 15.43 -9.32 1.85
CA SER D 14 14.24 -8.84 1.15
C SER D 14 12.95 -9.17 1.87
N ARG D 15 12.95 -10.21 2.71
CA ARG D 15 11.69 -10.65 3.33
C ARG D 15 11.06 -9.53 4.15
N ASP D 16 11.76 -9.02 5.16
CA ASP D 16 11.24 -7.89 5.92
C ASP D 16 11.13 -6.63 5.08
N GLN D 17 12.05 -6.44 4.12
CA GLN D 17 12.02 -5.20 3.36
C GLN D 17 10.85 -5.17 2.37
N ARG D 18 10.48 -6.34 1.82
CA ARG D 18 9.29 -6.45 1.00
C ARG D 18 8.04 -6.13 1.82
N ARG D 19 7.88 -6.82 2.95
CA ARG D 19 6.68 -6.62 3.76
C ARG D 19 6.54 -5.16 4.16
N LYS D 20 7.65 -4.54 4.57
CA LYS D 20 7.60 -3.14 4.98
C LYS D 20 7.07 -2.26 3.84
N MET D 21 7.66 -2.40 2.65
CA MET D 21 7.29 -1.57 1.52
C MET D 21 5.84 -1.78 1.11
N ALA D 22 5.33 -3.00 1.26
CA ALA D 22 3.96 -3.27 0.87
C ALA D 22 2.99 -2.58 1.81
N LEU D 23 3.33 -2.54 3.10
CA LEU D 23 2.52 -1.82 4.07
C LEU D 23 2.48 -0.33 3.77
N GLU D 24 3.65 0.26 3.46
CA GLU D 24 3.72 1.68 3.10
C GLU D 24 3.16 1.95 1.71
N ASN D 25 3.02 0.96 0.83
CA ASN D 25 2.44 1.13 -0.51
C ASN D 25 1.44 0.04 -0.84
N PRO D 26 0.28 0.06 -0.21
CA PRO D 26 -0.68 -1.05 -0.37
C PRO D 26 -1.19 -1.29 -1.79
N ARG D 27 -1.27 -0.26 -2.65
CA ARG D 27 -1.72 -0.50 -4.02
C ARG D 27 -0.62 -0.93 -4.98
N MET D 28 0.64 -0.96 -4.54
CA MET D 28 1.67 -1.15 -5.56
C MET D 28 1.87 -2.63 -5.85
N ARG D 29 2.38 -2.91 -7.04
CA ARG D 29 2.60 -4.29 -7.48
C ARG D 29 3.75 -4.94 -6.71
N ASN D 30 3.57 -6.20 -6.34
CA ASN D 30 4.66 -6.93 -5.66
C ASN D 30 5.88 -7.03 -6.57
N SER D 31 5.65 -7.34 -7.85
CA SER D 31 6.75 -7.40 -8.81
C SER D 31 7.47 -6.06 -8.94
N GLU D 32 6.76 -4.95 -8.75
CA GLU D 32 7.45 -3.67 -8.75
C GLU D 32 8.23 -3.44 -7.45
N ILE D 33 7.79 -4.05 -6.34
CA ILE D 33 8.57 -3.97 -5.12
C ILE D 33 9.93 -4.66 -5.32
N SER D 34 9.93 -5.85 -5.93
CA SER D 34 11.18 -6.54 -6.20
C SER D 34 12.15 -5.63 -6.95
N LYS D 35 11.63 -4.80 -7.85
CA LYS D 35 12.48 -3.87 -8.58
C LYS D 35 13.08 -2.83 -7.65
N GLN D 36 12.30 -2.33 -6.70
CA GLN D 36 12.79 -1.32 -5.78
C GLN D 36 13.72 -1.91 -4.74
N LEU D 37 13.35 -3.07 -4.18
CA LEU D 37 14.27 -3.83 -3.34
C LEU D 37 15.60 -4.06 -4.04
N GLY D 38 15.56 -4.37 -5.34
CA GLY D 38 16.79 -4.46 -6.10
C GLY D 38 17.58 -3.16 -6.07
N TYR D 39 16.89 -2.02 -6.21
CA TYR D 39 17.59 -0.75 -6.20
C TYR D 39 18.20 -0.46 -4.85
N GLN D 40 17.44 -0.65 -3.78
CA GLN D 40 17.96 -0.30 -2.46
C GLN D 40 19.11 -1.21 -2.06
N TRP D 41 19.07 -2.47 -2.45
CA TRP D 41 20.15 -3.41 -2.14
C TRP D 41 21.48 -2.94 -2.73
N LYS D 42 21.50 -2.67 -4.04
CA LYS D 42 22.70 -2.14 -4.69
C LYS D 42 23.10 -0.77 -4.16
N MET D 43 22.31 -0.19 -3.27
CA MET D 43 22.66 1.08 -2.65
C MET D 43 23.13 0.92 -1.21
N LEU D 44 22.93 -0.25 -0.63
CA LEU D 44 23.43 -0.49 0.71
C LEU D 44 24.94 -0.74 0.59
N THR D 45 25.70 -0.20 1.54
CA THR D 45 27.13 -0.46 1.60
C THR D 45 27.42 -1.87 2.10
N GLU D 46 28.63 -2.34 1.85
CA GLU D 46 29.00 -3.66 2.34
C GLU D 46 28.85 -3.75 3.86
N ALA D 47 29.09 -2.65 4.56
CA ALA D 47 28.92 -2.61 6.01
C ALA D 47 27.45 -2.73 6.39
N GLU D 48 26.55 -2.09 5.64
CA GLU D 48 25.14 -2.33 5.87
C GLU D 48 24.76 -3.78 5.59
N LYS D 49 25.47 -4.45 4.67
CA LYS D 49 25.01 -5.74 4.17
C LYS D 49 25.59 -6.96 4.88
N TRP D 50 26.61 -6.82 5.75
CA TRP D 50 27.29 -8.00 6.28
C TRP D 50 26.38 -8.91 7.12
N PRO D 51 25.43 -8.41 7.92
CA PRO D 51 24.60 -9.36 8.71
C PRO D 51 23.86 -10.38 7.87
N PHE D 52 23.44 -10.00 6.66
CA PHE D 52 22.71 -10.93 5.81
C PHE D 52 23.65 -11.93 5.11
N PHE D 53 24.90 -11.56 4.88
CA PHE D 53 25.81 -12.58 4.36
C PHE D 53 26.18 -13.58 5.46
N GLN D 54 26.24 -13.12 6.71
CA GLN D 54 26.35 -14.07 7.81
C GLN D 54 25.12 -14.98 7.88
N GLU D 55 23.92 -14.42 7.79
CA GLU D 55 22.74 -15.28 7.91
C GLU D 55 22.67 -16.28 6.76
N ALA D 56 23.00 -15.85 5.54
CA ALA D 56 23.05 -16.78 4.40
C ALA D 56 24.00 -17.93 4.66
N GLN D 57 25.22 -17.63 5.12
CA GLN D 57 26.17 -18.70 5.37
C GLN D 57 25.74 -19.59 6.54
N LYS D 58 25.11 -19.00 7.56
CA LYS D 58 24.48 -19.81 8.61
C LYS D 58 23.48 -20.81 8.02
N LEU D 59 22.61 -20.35 7.09
CA LEU D 59 21.56 -21.23 6.59
C LEU D 59 22.13 -22.31 5.67
N GLN D 60 23.19 -22.01 4.92
CA GLN D 60 23.82 -23.07 4.14
C GLN D 60 24.55 -24.10 5.00
N ALA D 61 24.98 -23.75 6.22
CA ALA D 61 25.47 -24.79 7.12
C ALA D 61 24.33 -25.69 7.57
N MET D 62 23.26 -25.09 8.11
CA MET D 62 22.10 -25.87 8.50
C MET D 62 21.56 -26.72 7.36
N HIS D 63 21.65 -26.20 6.13
CA HIS D 63 21.17 -26.95 4.97
C HIS D 63 22.04 -28.17 4.70
N ARG D 64 23.35 -27.96 4.53
CA ARG D 64 24.17 -29.09 4.13
C ARG D 64 24.35 -30.12 5.24
N GLU D 65 23.87 -29.86 6.45
CA GLU D 65 23.93 -30.92 7.43
C GLU D 65 22.63 -31.74 7.47
N LYS D 66 21.47 -31.08 7.32
CA LYS D 66 20.23 -31.86 7.31
C LYS D 66 20.07 -32.64 6.02
N TYR D 67 20.65 -32.15 4.94
CA TYR D 67 20.60 -32.81 3.64
C TYR D 67 22.04 -32.93 3.18
N PRO D 68 22.76 -33.96 3.67
CA PRO D 68 24.24 -33.97 3.56
C PRO D 68 24.76 -34.20 2.15
N ASN D 69 24.20 -35.15 1.42
CA ASN D 69 24.61 -35.28 0.02
C ASN D 69 23.51 -34.77 -0.91
N TYR D 70 23.14 -33.50 -0.71
CA TYR D 70 22.29 -32.77 -1.65
C TYR D 70 23.15 -32.25 -2.78
N LYS D 71 22.70 -32.48 -4.01
CA LYS D 71 23.26 -31.81 -5.18
C LYS D 71 22.17 -31.00 -5.83
N TYR D 72 22.43 -29.73 -6.06
CA TYR D 72 21.47 -28.88 -6.73
C TYR D 72 21.31 -29.35 -8.17
N ARG D 73 20.11 -29.78 -8.55
CA ARG D 73 19.85 -30.29 -9.89
C ARG D 73 18.70 -29.53 -10.53
N PRO D 74 18.99 -28.49 -11.33
CA PRO D 74 17.92 -27.70 -11.95
C PRO D 74 17.35 -28.36 -13.20
N ARG D 75 16.58 -27.59 -13.98
CA ARG D 75 15.90 -28.09 -15.18
C ARG D 75 14.97 -29.22 -14.76
N LYS G 4 -2.40 22.44 -27.20
CA LYS G 4 -2.67 21.28 -26.34
C LYS G 4 -4.17 21.14 -26.02
N ARG G 5 -4.67 19.91 -26.05
CA ARG G 5 -6.11 19.65 -25.99
C ARG G 5 -6.70 20.00 -24.63
N PRO G 6 -8.02 20.20 -24.56
CA PRO G 6 -8.66 20.35 -23.26
C PRO G 6 -8.90 19.01 -22.60
N MET G 7 -8.89 19.01 -21.27
CA MET G 7 -9.07 17.77 -20.52
C MET G 7 -10.53 17.33 -20.49
N ASN G 8 -10.80 16.09 -20.89
CA ASN G 8 -12.11 15.48 -20.70
C ASN G 8 -12.36 15.26 -19.20
N ALA G 9 -13.50 14.64 -18.87
CA ALA G 9 -13.92 14.59 -17.47
C ALA G 9 -13.03 13.65 -16.65
N PHE G 10 -12.61 12.53 -17.24
CA PHE G 10 -11.70 11.63 -16.53
C PHE G 10 -10.38 12.31 -16.21
N ILE G 11 -9.80 13.01 -17.18
CA ILE G 11 -8.56 13.71 -16.90
C ILE G 11 -8.73 14.73 -15.78
N VAL G 12 -9.85 15.47 -15.78
CA VAL G 12 -10.08 16.48 -14.73
C VAL G 12 -10.07 15.82 -13.36
N TRP G 13 -10.94 14.83 -13.19
CA TRP G 13 -11.06 14.09 -11.94
C TRP G 13 -9.76 13.41 -11.56
N SER G 14 -8.99 12.95 -12.55
CA SER G 14 -7.86 12.10 -12.20
C SER G 14 -6.75 12.91 -11.53
N ARG G 15 -6.63 14.21 -11.86
CA ARG G 15 -5.57 15.05 -11.29
C ARG G 15 -5.50 14.95 -9.77
N ASP G 16 -6.64 15.05 -9.09
CA ASP G 16 -6.55 14.99 -7.64
C ASP G 16 -6.49 13.56 -7.13
N GLN G 17 -7.08 12.63 -7.85
CA GLN G 17 -7.04 11.26 -7.37
C GLN G 17 -5.65 10.67 -7.58
N ARG G 18 -4.90 11.20 -8.52
CA ARG G 18 -3.55 10.73 -8.77
C ARG G 18 -2.60 11.22 -7.69
N ARG G 19 -2.73 12.48 -7.29
CA ARG G 19 -1.87 13.04 -6.26
C ARG G 19 -2.09 12.33 -4.93
N LYS G 20 -3.35 12.21 -4.51
CA LYS G 20 -3.62 11.54 -3.24
C LYS G 20 -3.11 10.11 -3.28
N MET G 21 -3.38 9.40 -4.36
CA MET G 21 -2.89 8.04 -4.48
C MET G 21 -1.36 7.99 -4.44
N ALA G 22 -0.69 8.99 -5.00
CA ALA G 22 0.76 8.97 -4.98
C ALA G 22 1.28 9.32 -3.61
N LEU G 23 0.56 10.16 -2.87
CA LEU G 23 0.97 10.49 -1.52
C LEU G 23 0.81 9.29 -0.57
N GLU G 24 -0.13 8.39 -0.85
CA GLU G 24 -0.26 7.20 -0.03
C GLU G 24 0.61 6.04 -0.49
N ASN G 25 1.17 6.09 -1.70
CA ASN G 25 2.09 5.07 -2.17
C ASN G 25 3.24 5.73 -2.94
N PRO G 26 4.19 6.32 -2.21
CA PRO G 26 5.21 7.14 -2.88
C PRO G 26 6.18 6.37 -3.76
N ARG G 27 6.17 5.03 -3.72
CA ARG G 27 6.99 4.21 -4.60
C ARG G 27 6.22 3.59 -5.75
N MET G 28 4.90 3.77 -5.80
CA MET G 28 4.10 3.16 -6.83
C MET G 28 4.34 3.88 -8.16
N ARG G 29 4.25 3.15 -9.26
CA ARG G 29 4.41 3.81 -10.56
C ARG G 29 3.13 4.55 -10.98
N ASN G 30 3.32 5.59 -11.79
CA ASN G 30 2.18 6.31 -12.35
C ASN G 30 1.34 5.41 -13.22
N SER G 31 1.99 4.64 -14.10
CA SER G 31 1.27 3.73 -14.97
C SER G 31 0.32 2.84 -14.18
N GLU G 32 0.70 2.44 -12.96
CA GLU G 32 -0.20 1.60 -12.18
C GLU G 32 -1.31 2.40 -11.50
N ILE G 33 -1.03 3.64 -11.13
CA ILE G 33 -2.07 4.54 -10.65
C ILE G 33 -3.16 4.67 -11.72
N SER G 34 -2.75 4.92 -12.97
CA SER G 34 -3.70 5.03 -14.07
C SER G 34 -4.61 3.81 -14.13
N LYS G 35 -4.03 2.62 -13.99
CA LYS G 35 -4.88 1.44 -14.01
C LYS G 35 -5.93 1.52 -12.91
N GLN G 36 -5.54 1.99 -11.73
CA GLN G 36 -6.44 1.94 -10.59
C GLN G 36 -7.40 3.13 -10.59
N LEU G 37 -6.99 4.28 -11.11
CA LEU G 37 -7.94 5.34 -11.39
C LEU G 37 -8.97 4.88 -12.41
N GLY G 38 -8.53 4.13 -13.42
CA GLY G 38 -9.47 3.58 -14.38
C GLY G 38 -10.57 2.80 -13.71
N TYR G 39 -10.20 1.86 -12.83
CA TYR G 39 -11.23 1.07 -12.16
C TYR G 39 -12.11 1.94 -11.28
N GLN G 40 -11.52 2.95 -10.62
CA GLN G 40 -12.30 3.78 -9.73
C GLN G 40 -13.35 4.59 -10.51
N TRP G 41 -12.98 5.06 -11.71
CA TRP G 41 -13.89 5.85 -12.52
C TRP G 41 -15.12 5.03 -12.91
N LYS G 42 -14.92 3.84 -13.49
CA LYS G 42 -16.02 2.96 -13.87
C LYS G 42 -16.97 2.68 -12.71
N MET G 43 -16.49 2.76 -11.47
CA MET G 43 -17.35 2.51 -10.31
C MET G 43 -17.95 3.77 -9.70
N LEU G 44 -17.63 4.96 -10.22
CA LEU G 44 -18.39 6.14 -9.83
C LEU G 44 -19.79 6.10 -10.44
N THR G 45 -20.77 6.64 -9.71
CA THR G 45 -22.15 6.78 -10.18
C THR G 45 -22.32 7.98 -11.10
N GLU G 46 -23.49 8.03 -11.77
CA GLU G 46 -23.77 9.18 -12.63
C GLU G 46 -23.71 10.47 -11.83
N ALA G 47 -24.19 10.44 -10.58
CA ALA G 47 -24.14 11.64 -9.76
C ALA G 47 -22.71 12.06 -9.49
N GLU G 48 -21.82 11.09 -9.23
CA GLU G 48 -20.45 11.44 -8.89
C GLU G 48 -19.68 11.98 -10.10
N LYS G 49 -19.93 11.43 -11.28
CA LYS G 49 -19.21 11.92 -12.46
C LYS G 49 -19.65 13.32 -12.89
N TRP G 50 -20.95 13.66 -12.70
CA TRP G 50 -21.55 14.88 -13.23
C TRP G 50 -20.70 16.14 -13.05
N PRO G 51 -20.23 16.49 -11.84
CA PRO G 51 -19.41 17.72 -11.73
C PRO G 51 -18.21 17.77 -12.67
N PHE G 52 -17.48 16.66 -12.83
CA PHE G 52 -16.29 16.69 -13.69
C PHE G 52 -16.68 16.72 -15.16
N PHE G 53 -17.79 16.09 -15.56
CA PHE G 53 -18.30 16.35 -16.90
C PHE G 53 -18.67 17.82 -17.04
N GLN G 54 -19.29 18.40 -16.02
CA GLN G 54 -19.61 19.82 -16.07
C GLN G 54 -18.34 20.66 -16.14
N GLU G 55 -17.32 20.31 -15.35
CA GLU G 55 -16.12 21.13 -15.32
C GLU G 55 -15.36 21.05 -16.65
N ALA G 56 -15.33 19.87 -17.27
CA ALA G 56 -14.70 19.75 -18.58
C ALA G 56 -15.36 20.65 -19.61
N GLN G 57 -16.71 20.63 -19.71
CA GLN G 57 -17.39 21.51 -20.67
C GLN G 57 -16.99 22.96 -20.44
N LYS G 58 -17.00 23.42 -19.18
CA LYS G 58 -16.57 24.80 -18.91
C LYS G 58 -15.09 25.01 -19.31
N LEU G 59 -14.21 24.04 -19.03
CA LEU G 59 -12.83 24.13 -19.52
C LEU G 59 -12.78 24.17 -21.05
N GLN G 60 -13.69 23.47 -21.74
CA GLN G 60 -13.70 23.58 -23.20
C GLN G 60 -14.19 24.94 -23.64
N ALA G 61 -15.04 25.59 -22.83
CA ALA G 61 -15.52 26.93 -23.17
C ALA G 61 -14.37 27.92 -23.24
N MET G 62 -13.61 28.03 -22.15
CA MET G 62 -12.49 28.96 -22.11
C MET G 62 -11.39 28.61 -23.11
N HIS G 63 -11.49 27.48 -23.79
CA HIS G 63 -10.46 27.05 -24.72
C HIS G 63 -10.84 27.24 -26.18
N ARG G 64 -12.12 27.42 -26.51
CA ARG G 64 -12.48 27.75 -27.87
C ARG G 64 -12.73 29.25 -28.06
N GLU G 65 -12.46 30.05 -27.02
CA GLU G 65 -12.46 31.50 -27.15
C GLU G 65 -11.12 32.14 -26.79
N LYS G 66 -10.31 31.49 -25.94
CA LYS G 66 -8.92 31.89 -25.78
C LYS G 66 -8.05 31.39 -26.93
N TYR G 67 -8.48 30.33 -27.62
CA TYR G 67 -7.87 29.83 -28.84
C TYR G 67 -8.99 29.68 -29.86
N PRO G 68 -9.42 30.78 -30.46
CA PRO G 68 -10.75 30.80 -31.14
C PRO G 68 -10.89 29.82 -32.28
N ASN G 69 -9.84 29.61 -33.06
CA ASN G 69 -9.87 28.64 -34.17
C ASN G 69 -8.66 27.73 -34.07
N TYR G 70 -8.65 26.92 -33.02
CA TYR G 70 -7.80 25.75 -32.91
C TYR G 70 -8.55 24.55 -33.47
N LYS G 71 -7.85 23.70 -34.21
CA LYS G 71 -8.42 22.45 -34.68
C LYS G 71 -7.47 21.31 -34.37
N TYR G 72 -7.97 20.30 -33.67
CA TYR G 72 -7.15 19.16 -33.28
C TYR G 72 -6.65 18.42 -34.51
N ARG G 73 -5.33 18.35 -34.68
CA ARG G 73 -4.75 17.69 -35.85
C ARG G 73 -3.68 16.71 -35.43
N PRO G 74 -4.02 15.42 -35.36
CA PRO G 74 -3.09 14.40 -34.88
C PRO G 74 -1.94 14.10 -35.82
N ARG G 75 -1.23 13.00 -35.57
CA ARG G 75 0.01 12.65 -36.26
C ARG G 75 0.99 13.82 -36.21
#